data_3D42
#
_entry.id   3D42
#
_cell.length_a   118.460
_cell.length_b   39.035
_cell.length_c   83.650
_cell.angle_alpha   90.00
_cell.angle_beta   124.59
_cell.angle_gamma   90.00
#
_symmetry.space_group_name_H-M   'C 1 2 1'
#
loop_
_entity.id
_entity.type
_entity.pdbx_description
1 polymer 'Tyrosine-protein phosphatase non-receptor type 7'
2 polymer 'Mitogen-activated protein kinase 1 peptide'
3 non-polymer 'D(-)-TARTARIC ACID'
4 non-polymer GLYCEROL
5 water water
#
loop_
_entity_poly.entity_id
_entity_poly.type
_entity_poly.pdbx_seq_one_letter_code
_entity_poly.pdbx_strand_id
1 'polypeptide(L)'
;MGSDKIHHHHHHNTPREVTLHFLRTAGHPLTRWALQRQPPSPKQLEEEFLKIPSNFVSPEDLDIPGHASKDRYKDILPNP
QSRVCLGRAQSQEDGDYINANYIRGYDGKEKVYIATQGPMPNTVSDFWEMVWQEEVSLIVMLTQLREGKEKCVHYWPTEE
ETYGPFQIRIQDMKECPEYTVRQLTIQYQEERRSVKHILFSAWPDHQTPESAGPLLRLVAEVEESPETAAHPGPIVVHSS
AGIGRTGCFIATRIGCQQLKARGEVDILGIVCQLRLDRGGMIQTAEQYQFLHHTLALYAGQLPEEPSP
;
A
2 'polypeptide(L)' LTE(PTR)VATR B
#
loop_
_chem_comp.id
_chem_comp.type
_chem_comp.name
_chem_comp.formula
GOL non-polymer GLYCEROL 'C3 H8 O3'
TAR non-polymer 'D(-)-TARTARIC ACID' 'C4 H6 O6'
#
# COMPACT_ATOMS: atom_id res chain seq x y z
N ASN A 13 14.10 27.94 -3.33
CA ASN A 13 13.23 26.99 -4.06
C ASN A 13 13.37 26.51 -5.47
N THR A 14 14.00 25.35 -5.62
CA THR A 14 13.87 24.59 -6.84
C THR A 14 12.43 24.07 -6.94
N PRO A 15 12.03 23.64 -8.14
CA PRO A 15 10.75 22.96 -8.25
C PRO A 15 10.65 21.86 -7.21
N ARG A 16 11.78 21.20 -6.94
CA ARG A 16 11.86 20.06 -6.02
C ARG A 16 11.66 20.48 -4.59
N GLU A 17 12.16 21.65 -4.23
CA GLU A 17 12.03 22.13 -2.88
C GLU A 17 10.65 22.72 -2.62
N VAL A 18 10.05 23.27 -3.66
CA VAL A 18 8.65 23.72 -3.61
C VAL A 18 7.75 22.49 -3.35
N THR A 19 8.03 21.39 -4.06
CA THR A 19 7.29 20.15 -3.86
C THR A 19 7.39 19.64 -2.40
N LEU A 20 8.61 19.57 -1.90
CA LEU A 20 8.85 19.05 -0.54
C LEU A 20 8.26 19.92 0.54
N HIS A 21 8.32 21.24 0.34
CA HIS A 21 7.72 22.18 1.29
C HIS A 21 6.19 22.03 1.35
N PHE A 22 5.58 21.86 0.17
CA PHE A 22 4.13 21.69 0.09
C PHE A 22 3.74 20.43 0.86
N LEU A 23 4.39 19.32 0.53
CA LEU A 23 4.03 18.03 1.12
C LEU A 23 4.32 17.94 2.63
N ARG A 24 5.33 18.69 3.09
CA ARG A 24 5.55 18.76 4.53
C ARG A 24 4.58 19.68 5.32
N THR A 25 3.90 20.60 4.65
CA THR A 25 3.16 21.67 5.36
C THR A 25 1.65 21.80 5.03
N ALA A 26 1.22 21.28 3.89
CA ALA A 26 -0.22 21.30 3.56
C ALA A 26 -1.02 20.59 4.62
N GLY A 27 -2.24 21.04 4.88
CA GLY A 27 -3.15 20.33 5.78
C GLY A 27 -4.56 20.85 5.73
N HIS A 28 -5.54 19.98 5.97
CA HIS A 28 -6.94 20.39 6.05
C HIS A 28 -7.62 19.57 7.15
N PRO A 29 -7.24 19.81 8.42
CA PRO A 29 -7.88 19.02 9.50
C PRO A 29 -9.41 19.26 9.53
N LEU A 30 -10.20 18.18 9.68
CA LEU A 30 -11.66 18.25 9.67
C LEU A 30 -12.14 17.61 10.97
N THR A 31 -13.02 18.25 11.74
CA THR A 31 -13.58 17.55 12.92
C THR A 31 -14.42 16.39 12.33
N ARG A 32 -14.70 15.35 13.11
CA ARG A 32 -15.55 14.28 12.62
C ARG A 32 -16.95 14.81 12.25
N TRP A 33 -17.44 15.80 13.00
CA TRP A 33 -18.73 16.41 12.69
C TRP A 33 -18.69 17.02 11.28
N ALA A 34 -17.64 17.80 11.01
CA ALA A 34 -17.52 18.41 9.71
C ALA A 34 -17.42 17.37 8.58
N LEU A 35 -16.61 16.34 8.79
CA LEU A 35 -16.53 15.24 7.84
C LEU A 35 -17.92 14.62 7.59
N GLN A 36 -18.73 14.38 8.61
CA GLN A 36 -19.98 13.62 8.48
C GLN A 36 -21.13 14.49 8.00
N ARG A 37 -21.13 15.76 8.42
CA ARG A 37 -22.30 16.60 8.33
C ARG A 37 -22.10 17.82 7.49
N GLN A 38 -20.86 18.24 7.30
CA GLN A 38 -20.62 19.47 6.56
C GLN A 38 -19.34 19.38 5.78
N PRO A 39 -19.22 18.36 4.89
CA PRO A 39 -17.90 18.07 4.25
C PRO A 39 -17.54 19.10 3.17
N PRO A 40 -16.25 19.23 2.82
CA PRO A 40 -15.98 20.10 1.66
C PRO A 40 -16.77 19.60 0.46
N SER A 41 -17.18 20.47 -0.46
CA SER A 41 -17.87 20.04 -1.68
C SER A 41 -17.01 19.14 -2.59
N PRO A 42 -17.64 18.39 -3.51
CA PRO A 42 -16.84 17.67 -4.54
C PRO A 42 -15.85 18.57 -5.34
N LYS A 43 -16.25 19.77 -5.70
CA LYS A 43 -15.38 20.66 -6.48
C LYS A 43 -14.18 21.13 -5.64
N GLN A 44 -14.44 21.35 -4.37
CA GLN A 44 -13.41 21.73 -3.42
C GLN A 44 -12.41 20.60 -3.20
N LEU A 45 -12.91 19.36 -3.10
CA LEU A 45 -12.03 18.22 -2.90
C LEU A 45 -11.18 17.96 -4.13
N GLU A 46 -11.76 18.09 -5.31
CA GLU A 46 -11.00 17.94 -6.54
C GLU A 46 -9.90 19.01 -6.69
N GLU A 47 -10.23 20.26 -6.41
CA GLU A 47 -9.30 21.36 -6.44
C GLU A 47 -8.19 21.13 -5.46
N GLU A 48 -8.54 20.66 -4.27
CA GLU A 48 -7.57 20.38 -3.24
C GLU A 48 -6.64 19.23 -3.64
N PHE A 49 -7.21 18.15 -4.14
CA PHE A 49 -6.43 17.03 -4.68
C PHE A 49 -5.46 17.45 -5.81
N LEU A 50 -5.93 18.26 -6.75
CA LEU A 50 -5.10 18.59 -7.89
C LEU A 50 -3.92 19.49 -7.51
N LYS A 51 -4.00 20.18 -6.36
CA LYS A 51 -2.90 20.98 -5.85
C LYS A 51 -1.72 20.16 -5.36
N ILE A 52 -1.94 18.90 -5.02
CA ILE A 52 -0.92 18.09 -4.37
C ILE A 52 0.10 17.60 -5.39
N PRO A 53 1.39 17.90 -5.18
CA PRO A 53 2.43 17.44 -6.12
C PRO A 53 2.54 15.92 -6.09
N SER A 54 2.81 15.32 -7.25
CA SER A 54 2.95 13.87 -7.33
C SER A 54 4.16 13.34 -6.59
N ASN A 55 5.27 14.09 -6.64
CA ASN A 55 6.57 13.62 -6.10
C ASN A 55 7.10 12.30 -6.76
N PHE A 56 6.75 12.09 -8.05
CA PHE A 56 7.33 11.04 -8.88
C PHE A 56 8.81 11.25 -9.06
N VAL A 57 9.57 10.18 -9.09
CA VAL A 57 10.98 10.29 -9.48
C VAL A 57 11.19 9.97 -10.95
N SER A 58 12.16 10.64 -11.55
CA SER A 58 12.40 10.40 -12.95
C SER A 58 13.38 9.24 -13.05
N PRO A 59 13.40 8.54 -14.19
CA PRO A 59 14.42 7.52 -14.41
C PRO A 59 15.84 8.05 -14.19
N GLU A 60 16.10 9.28 -14.65
CA GLU A 60 17.38 9.95 -14.37
C GLU A 60 17.70 10.13 -12.87
N ASP A 61 16.71 10.04 -12.01
CA ASP A 61 16.91 10.36 -10.60
C ASP A 61 17.45 9.18 -9.86
N LEU A 62 17.28 8.02 -10.51
CA LEU A 62 17.58 6.70 -10.00
C LEU A 62 18.84 6.22 -10.68
N ASP A 63 19.86 5.92 -9.90
CA ASP A 63 21.09 5.32 -10.40
C ASP A 63 21.18 3.91 -9.85
N ILE A 64 20.35 3.03 -10.36
CA ILE A 64 20.38 1.64 -9.92
C ILE A 64 20.45 0.81 -11.18
N PRO A 65 21.68 0.48 -11.63
CA PRO A 65 21.85 -0.24 -12.90
C PRO A 65 21.03 -1.54 -12.93
N GLY A 66 20.24 -1.73 -13.99
CA GLY A 66 19.45 -2.95 -14.16
C GLY A 66 18.05 -2.95 -13.57
N HIS A 67 17.59 -1.85 -12.98
CA HIS A 67 16.31 -1.85 -12.26
C HIS A 67 15.10 -1.96 -13.22
N ALA A 68 15.28 -1.50 -14.48
CA ALA A 68 14.19 -1.40 -15.46
C ALA A 68 13.46 -2.70 -15.65
N SER A 69 14.21 -3.80 -15.62
CA SER A 69 13.61 -5.07 -15.89
C SER A 69 12.73 -5.54 -14.72
N LYS A 70 12.85 -4.86 -13.58
CA LYS A 70 12.08 -5.23 -12.37
C LYS A 70 10.91 -4.28 -12.05
N ASP A 71 10.67 -3.33 -12.97
CA ASP A 71 9.54 -2.42 -12.93
C ASP A 71 8.44 -2.82 -13.90
N ARG A 72 7.22 -2.96 -13.38
CA ARG A 72 6.04 -3.10 -14.22
C ARG A 72 5.81 -1.85 -15.10
N TYR A 73 6.02 -0.67 -14.55
CA TYR A 73 5.78 0.53 -15.38
C TYR A 73 6.93 1.51 -15.33
N LYS A 74 7.63 1.70 -16.44
CA LYS A 74 8.80 2.58 -16.36
C LYS A 74 8.63 4.01 -15.76
N ASP A 75 7.39 4.53 -15.77
CA ASP A 75 7.05 5.85 -15.15
C ASP A 75 6.76 5.79 -13.64
N ILE A 76 6.69 4.59 -13.08
CA ILE A 76 6.37 4.42 -11.66
C ILE A 76 7.56 3.77 -10.92
N LEU A 77 8.29 4.61 -10.20
CA LEU A 77 9.56 4.23 -9.59
C LEU A 77 9.56 4.52 -8.11
N PRO A 78 10.28 3.71 -7.31
CA PRO A 78 10.33 3.94 -5.85
C PRO A 78 11.31 5.06 -5.52
N ASN A 79 10.83 6.04 -4.77
CA ASN A 79 11.66 7.13 -4.25
C ASN A 79 12.89 6.55 -3.53
N PRO A 80 14.11 7.00 -3.90
CA PRO A 80 15.38 6.47 -3.36
C PRO A 80 15.49 6.51 -1.85
N GLN A 81 15.07 7.60 -1.21
CA GLN A 81 15.26 7.72 0.25
C GLN A 81 14.45 6.71 1.08
N SER A 82 13.37 6.16 0.53
CA SER A 82 12.49 5.24 1.28
C SER A 82 12.36 3.85 0.63
N ARG A 83 13.17 3.57 -0.40
CA ARG A 83 13.05 2.29 -1.11
C ARG A 83 13.50 1.12 -0.24
N VAL A 84 12.91 -0.04 -0.50
CA VAL A 84 13.25 -1.23 0.25
C VAL A 84 14.43 -1.86 -0.45
N CYS A 85 15.54 -2.06 0.28
CA CYS A 85 16.71 -2.72 -0.28
C CYS A 85 16.74 -4.18 0.12
N LEU A 86 16.79 -5.06 -0.88
CA LEU A 86 16.96 -6.50 -0.67
C LEU A 86 18.37 -6.84 -0.19
N GLY A 87 18.49 -7.78 0.74
CA GLY A 87 19.80 -8.27 1.14
C GLY A 87 20.30 -9.35 0.20
N ARG A 88 21.24 -10.15 0.65
CA ARG A 88 21.87 -11.11 -0.26
C ARG A 88 21.48 -12.56 -0.01
N ALA A 89 20.16 -12.82 0.09
CA ALA A 89 19.59 -14.17 0.30
C ALA A 89 19.37 -14.95 -1.00
N GLN A 90 19.52 -14.27 -2.14
CA GLN A 90 19.43 -14.87 -3.48
C GLN A 90 20.79 -15.08 -4.14
N SER A 91 21.26 -16.33 -4.12
CA SER A 91 22.51 -16.74 -4.77
C SER A 91 22.50 -16.52 -6.28
N GLN A 92 21.30 -16.41 -6.87
CA GLN A 92 21.17 -16.15 -8.30
C GLN A 92 21.30 -14.68 -8.70
N GLU A 93 20.84 -13.74 -7.86
CA GLU A 93 20.79 -12.31 -8.21
C GLU A 93 21.80 -11.43 -7.43
N ASP A 94 22.29 -10.37 -8.06
CA ASP A 94 23.38 -9.61 -7.46
C ASP A 94 22.98 -8.24 -6.87
N GLY A 95 21.81 -7.76 -7.28
CA GLY A 95 21.33 -6.45 -6.85
C GLY A 95 20.44 -6.48 -5.62
N ASP A 96 20.08 -5.27 -5.18
CA ASP A 96 19.25 -5.08 -3.99
C ASP A 96 17.93 -4.42 -4.36
N TYR A 97 17.58 -4.38 -5.65
CA TYR A 97 16.41 -3.61 -6.11
C TYR A 97 15.06 -4.33 -6.12
N ILE A 98 14.07 -3.67 -5.55
CA ILE A 98 12.64 -4.04 -5.72
C ILE A 98 11.81 -2.75 -5.80
N ASN A 99 10.77 -2.73 -6.63
CA ASN A 99 9.93 -1.52 -6.72
C ASN A 99 8.99 -1.47 -5.52
N ALA A 100 9.46 -0.89 -4.40
CA ALA A 100 8.75 -0.92 -3.10
C ALA A 100 9.31 0.17 -2.25
N ASN A 101 8.49 0.68 -1.33
CA ASN A 101 8.88 1.75 -0.47
C ASN A 101 8.31 1.50 0.91
N TYR A 102 9.08 1.85 1.95
CA TYR A 102 8.57 1.94 3.31
C TYR A 102 7.63 3.14 3.41
N ILE A 103 6.53 2.96 4.14
CA ILE A 103 5.54 4.01 4.27
C ILE A 103 5.34 4.29 5.74
N ARG A 104 5.42 5.55 6.13
CA ARG A 104 5.09 6.00 7.51
C ARG A 104 3.62 5.70 7.77
N GLY A 105 3.27 5.45 9.04
CA GLY A 105 1.89 5.30 9.42
C GLY A 105 1.38 6.41 10.30
N TYR A 106 0.54 6.04 11.25
CA TYR A 106 -0.14 7.00 12.12
C TYR A 106 0.87 7.86 12.86
N ASP A 107 0.69 9.19 12.83
CA ASP A 107 1.63 10.11 13.48
C ASP A 107 3.07 10.02 12.97
N GLY A 108 3.29 9.50 11.77
CA GLY A 108 4.63 9.54 11.22
C GLY A 108 5.48 8.33 11.59
N LYS A 109 4.90 7.34 12.27
CA LYS A 109 5.65 6.18 12.76
C LYS A 109 6.26 5.43 11.57
N GLU A 110 7.56 5.14 11.65
CA GLU A 110 8.33 4.59 10.54
C GLU A 110 7.91 3.17 10.16
N LYS A 111 7.96 2.85 8.87
CA LYS A 111 7.88 1.47 8.37
C LYS A 111 6.64 0.68 8.80
N VAL A 112 5.50 1.35 8.86
CA VAL A 112 4.27 0.70 9.20
C VAL A 112 3.77 -0.12 8.03
N TYR A 113 4.06 0.36 6.80
CA TYR A 113 3.67 -0.34 5.56
C TYR A 113 4.84 -0.39 4.63
N ILE A 114 4.77 -1.33 3.70
CA ILE A 114 5.53 -1.26 2.48
C ILE A 114 4.49 -1.21 1.36
N ALA A 115 4.53 -0.18 0.54
CA ALA A 115 3.78 -0.16 -0.72
C ALA A 115 4.64 -0.68 -1.90
N THR A 116 4.10 -1.64 -2.65
CA THR A 116 4.84 -2.25 -3.75
C THR A 116 3.93 -2.54 -4.93
N GLN A 117 4.48 -2.72 -6.13
CA GLN A 117 3.70 -3.11 -7.27
C GLN A 117 3.40 -4.60 -7.16
N GLY A 118 2.41 -5.09 -7.92
CA GLY A 118 2.17 -6.54 -7.99
C GLY A 118 3.43 -7.19 -8.60
N PRO A 119 3.93 -8.26 -7.96
CA PRO A 119 5.09 -8.99 -8.50
C PRO A 119 4.89 -9.40 -9.96
N MET A 120 5.94 -9.29 -10.75
CA MET A 120 6.02 -9.91 -12.10
C MET A 120 6.66 -11.30 -11.97
N PRO A 121 6.50 -12.18 -12.99
CA PRO A 121 7.17 -13.50 -12.85
C PRO A 121 8.65 -13.42 -12.43
N ASN A 122 9.40 -12.48 -13.00
CA ASN A 122 10.80 -12.32 -12.59
C ASN A 122 11.09 -11.61 -11.23
N THR A 123 10.06 -11.15 -10.50
CA THR A 123 10.31 -10.50 -9.20
C THR A 123 9.63 -11.21 -8.05
N VAL A 124 9.15 -12.42 -8.29
CA VAL A 124 8.44 -13.17 -7.27
C VAL A 124 9.37 -13.57 -6.12
N SER A 125 10.59 -14.02 -6.46
CA SER A 125 11.58 -14.36 -5.43
C SER A 125 11.98 -13.14 -4.65
N ASP A 126 12.05 -11.99 -5.34
CA ASP A 126 12.39 -10.69 -4.71
C ASP A 126 11.32 -10.31 -3.69
N PHE A 127 10.07 -10.51 -4.08
CA PHE A 127 8.95 -10.19 -3.23
C PHE A 127 8.98 -11.01 -1.93
N TRP A 128 9.17 -12.32 -2.07
CA TRP A 128 9.23 -13.21 -0.90
C TRP A 128 10.46 -12.97 -0.05
N GLU A 129 11.56 -12.57 -0.70
CA GLU A 129 12.77 -12.19 0.05
C GLU A 129 12.50 -10.96 0.91
N MET A 130 11.76 -10.00 0.37
CA MET A 130 11.40 -8.79 1.10
C MET A 130 10.51 -9.18 2.28
N VAL A 131 9.53 -10.04 1.99
CA VAL A 131 8.64 -10.55 3.03
C VAL A 131 9.46 -11.19 4.16
N TRP A 132 10.40 -12.05 3.81
CA TRP A 132 11.25 -12.73 4.78
C TRP A 132 12.09 -11.75 5.55
N GLN A 133 12.89 -10.97 4.82
CA GLN A 133 13.87 -10.08 5.43
C GLN A 133 13.20 -9.02 6.30
N GLU A 134 12.03 -8.54 5.87
CA GLU A 134 11.33 -7.49 6.64
C GLU A 134 10.40 -8.03 7.70
N GLU A 135 10.36 -9.36 7.87
CA GLU A 135 9.51 -9.99 8.90
C GLU A 135 8.06 -9.55 8.76
N VAL A 136 7.56 -9.65 7.54
CA VAL A 136 6.21 -9.27 7.22
C VAL A 136 5.29 -10.41 7.68
N SER A 137 4.21 -10.11 8.40
CA SER A 137 3.26 -11.15 8.71
C SER A 137 1.93 -10.97 8.02
N LEU A 138 1.73 -9.86 7.32
CA LEU A 138 0.46 -9.57 6.66
C LEU A 138 0.67 -8.94 5.29
N ILE A 139 -0.02 -9.48 4.29
CA ILE A 139 -0.01 -8.91 2.94
C ILE A 139 -1.44 -8.54 2.53
N VAL A 140 -1.61 -7.29 2.08
CA VAL A 140 -2.90 -6.82 1.60
C VAL A 140 -2.80 -6.59 0.10
N MET A 141 -3.57 -7.37 -0.65
CA MET A 141 -3.57 -7.32 -2.11
C MET A 141 -4.89 -6.72 -2.58
N LEU A 142 -4.79 -5.65 -3.38
CA LEU A 142 -5.96 -4.94 -3.90
C LEU A 142 -5.97 -5.09 -5.39
N THR A 143 -7.08 -5.63 -5.87
CA THR A 143 -7.20 -5.96 -7.27
C THR A 143 -8.64 -5.89 -7.80
N GLN A 144 -8.77 -5.97 -9.11
CA GLN A 144 -10.06 -6.23 -9.74
C GLN A 144 -9.95 -7.59 -10.36
N LEU A 145 -10.76 -8.56 -9.96
CA LEU A 145 -10.53 -9.76 -10.64
C LEU A 145 -10.75 -9.84 -12.13
N ARG A 146 -9.60 -9.84 -12.83
CA ARG A 146 -9.43 -9.56 -14.28
C ARG A 146 -7.91 -9.39 -14.61
N GLU A 150 -5.61 -12.57 -12.33
CA GLU A 150 -5.56 -12.66 -13.81
C GLU A 150 -4.29 -12.38 -14.60
N LYS A 151 -4.18 -11.32 -15.40
CA LYS A 151 -2.86 -10.90 -15.95
C LYS A 151 -1.68 -10.88 -14.94
N CYS A 152 -1.65 -9.99 -13.93
CA CYS A 152 -0.54 -10.03 -12.94
C CYS A 152 -0.43 -11.45 -12.45
N VAL A 153 0.79 -11.93 -12.26
CA VAL A 153 1.03 -13.34 -11.95
C VAL A 153 0.67 -13.73 -10.50
N HIS A 154 0.12 -14.92 -10.32
CA HIS A 154 -0.11 -15.46 -8.97
C HIS A 154 1.22 -15.84 -8.37
N TYR A 155 1.61 -15.15 -7.30
CA TYR A 155 2.93 -15.37 -6.69
C TYR A 155 2.86 -16.26 -5.45
N TRP A 156 1.67 -16.80 -5.20
CA TRP A 156 1.38 -17.69 -4.08
C TRP A 156 0.92 -19.00 -4.73
N PRO A 157 1.13 -20.15 -4.05
CA PRO A 157 0.82 -21.43 -4.65
C PRO A 157 -0.61 -21.84 -4.41
N THR A 158 -1.10 -22.77 -5.22
CA THR A 158 -2.41 -23.34 -4.96
C THR A 158 -2.34 -24.28 -3.77
N GLU A 159 -1.23 -25.02 -3.66
CA GLU A 159 -0.93 -25.79 -2.48
C GLU A 159 0.53 -25.68 -2.00
N GLU A 160 1.50 -25.75 -2.92
CA GLU A 160 2.93 -25.66 -2.56
C GLU A 160 3.81 -25.31 -3.76
N GLU A 161 4.65 -24.28 -3.62
CA GLU A 161 5.63 -23.91 -4.64
C GLU A 161 6.93 -23.41 -4.03
N THR A 162 8.02 -23.55 -4.77
CA THR A 162 9.31 -23.00 -4.37
C THR A 162 9.66 -21.83 -5.27
N TYR A 163 10.05 -20.71 -4.65
CA TYR A 163 10.40 -19.49 -5.35
C TYR A 163 11.78 -19.15 -4.83
N GLY A 164 12.80 -19.32 -5.67
CA GLY A 164 14.20 -19.22 -5.25
C GLY A 164 14.42 -20.07 -4.02
N PRO A 165 15.01 -19.49 -2.94
CA PRO A 165 15.24 -20.26 -1.72
C PRO A 165 14.03 -20.40 -0.81
N PHE A 166 12.85 -20.03 -1.28
CA PHE A 166 11.68 -19.98 -0.39
C PHE A 166 10.64 -20.99 -0.75
N GLN A 167 10.21 -21.77 0.22
CA GLN A 167 9.08 -22.65 -0.02
C GLN A 167 7.81 -22.10 0.64
N ILE A 168 6.74 -21.99 -0.15
CA ILE A 168 5.45 -21.49 0.34
C ILE A 168 4.38 -22.58 0.28
N ARG A 169 3.59 -22.67 1.33
CA ARG A 169 2.58 -23.70 1.52
C ARG A 169 1.30 -23.05 2.02
N ILE A 170 0.17 -23.30 1.37
CA ILE A 170 -1.13 -22.82 1.88
C ILE A 170 -1.54 -23.65 3.09
N GLN A 171 -1.77 -23.00 4.23
CA GLN A 171 -2.22 -23.69 5.45
C GLN A 171 -3.75 -23.73 5.58
N ASP A 172 -4.39 -22.64 5.17
CA ASP A 172 -5.82 -22.42 5.31
C ASP A 172 -6.24 -21.44 4.26
N MET A 173 -7.48 -21.51 3.82
CA MET A 173 -8.00 -20.50 2.92
C MET A 173 -9.50 -20.36 3.18
N LYS A 174 -9.94 -19.15 3.51
CA LYS A 174 -11.37 -18.90 3.69
C LYS A 174 -11.88 -17.74 2.82
N GLU A 175 -13.14 -17.85 2.43
CA GLU A 175 -13.78 -16.86 1.57
C GLU A 175 -14.72 -16.02 2.36
N CYS A 176 -14.54 -14.72 2.31
CA CYS A 176 -15.54 -13.78 2.75
C CYS A 176 -16.12 -13.23 1.47
N PRO A 177 -17.30 -12.61 1.54
CA PRO A 177 -17.79 -11.92 0.37
C PRO A 177 -16.91 -10.80 -0.14
N GLU A 178 -16.23 -10.06 0.73
CA GLU A 178 -15.32 -9.14 0.16
C GLU A 178 -13.93 -9.43 -0.24
N TYR A 179 -13.38 -10.46 0.37
CA TYR A 179 -12.00 -10.83 0.18
C TYR A 179 -11.78 -12.31 0.49
N THR A 180 -10.60 -12.82 0.06
CA THR A 180 -10.13 -14.14 0.43
C THR A 180 -8.96 -14.01 1.41
N VAL A 181 -9.04 -14.75 2.51
CA VAL A 181 -7.94 -14.82 3.47
C VAL A 181 -7.19 -16.16 3.28
N ARG A 182 -5.90 -16.07 2.98
CA ARG A 182 -5.04 -17.24 2.93
C ARG A 182 -4.05 -17.18 4.08
N GLN A 183 -3.84 -18.31 4.73
CA GLN A 183 -2.83 -18.44 5.75
C GLN A 183 -1.71 -19.27 5.16
N LEU A 184 -0.55 -18.63 5.00
CA LEU A 184 0.57 -19.23 4.32
C LEU A 184 1.67 -19.55 5.32
N THR A 185 2.52 -20.50 4.95
CA THR A 185 3.80 -20.72 5.63
C THR A 185 4.87 -20.44 4.61
N ILE A 186 5.88 -19.69 5.02
CA ILE A 186 7.05 -19.47 4.19
C ILE A 186 8.22 -20.14 4.87
N GLN A 187 8.98 -20.93 4.12
CA GLN A 187 10.19 -21.56 4.65
C GLN A 187 11.50 -21.14 3.99
N TYR A 188 12.51 -20.91 4.82
CA TYR A 188 13.84 -20.61 4.39
C TYR A 188 14.84 -21.29 5.30
N GLN A 189 15.68 -22.15 4.69
CA GLN A 189 16.46 -23.19 5.41
C GLN A 189 15.64 -24.04 6.40
N GLU A 190 16.03 -24.05 7.67
CA GLU A 190 15.34 -24.85 8.70
C GLU A 190 14.14 -24.09 9.31
N GLU A 191 13.98 -22.84 8.86
CA GLU A 191 13.07 -21.91 9.52
C GLU A 191 11.72 -21.73 8.79
N ARG A 192 10.63 -21.74 9.59
CA ARG A 192 9.26 -21.62 9.08
C ARG A 192 8.53 -20.43 9.70
N ARG A 193 7.88 -19.62 8.86
CA ARG A 193 7.11 -18.49 9.39
C ARG A 193 5.71 -18.46 8.80
N SER A 194 4.81 -17.84 9.55
CA SER A 194 3.45 -17.66 9.14
C SER A 194 3.28 -16.30 8.42
N VAL A 195 2.48 -16.28 7.35
CA VAL A 195 2.12 -15.03 6.68
C VAL A 195 0.63 -15.09 6.36
N LYS A 196 -0.08 -14.03 6.74
CA LYS A 196 -1.49 -13.90 6.38
C LYS A 196 -1.61 -13.11 5.09
N HIS A 197 -2.45 -13.57 4.19
CA HIS A 197 -2.61 -12.92 2.88
C HIS A 197 -4.09 -12.66 2.64
N ILE A 198 -4.42 -11.42 2.30
CA ILE A 198 -5.80 -11.02 2.04
C ILE A 198 -5.86 -10.41 0.66
N LEU A 199 -6.79 -10.97 -0.13
CA LEU A 199 -6.95 -10.56 -1.48
C LEU A 199 -8.32 -9.94 -1.57
N PHE A 200 -8.32 -8.63 -1.78
CA PHE A 200 -9.54 -7.86 -1.95
C PHE A 200 -9.75 -7.63 -3.46
N SER A 201 -10.88 -8.05 -3.99
CA SER A 201 -10.95 -8.28 -5.42
C SER A 201 -11.87 -7.45 -6.27
N ALA A 202 -12.56 -6.47 -5.74
CA ALA A 202 -13.41 -5.68 -6.68
C ALA A 202 -13.02 -4.22 -6.66
N TRP A 203 -11.78 -3.95 -7.08
CA TRP A 203 -11.29 -2.59 -7.08
C TRP A 203 -10.52 -2.39 -8.35
N PRO A 204 -11.17 -1.86 -9.38
CA PRO A 204 -10.52 -1.71 -10.71
C PRO A 204 -9.48 -0.62 -10.61
N ASP A 205 -8.38 -0.74 -11.35
CA ASP A 205 -7.41 0.35 -11.23
C ASP A 205 -7.95 1.64 -11.79
N HIS A 206 -7.49 2.75 -11.22
CA HIS A 206 -7.87 4.12 -11.62
C HIS A 206 -9.29 4.49 -11.20
N GLN A 207 -9.91 3.62 -10.42
CA GLN A 207 -11.31 3.78 -10.06
C GLN A 207 -11.51 3.48 -8.58
N THR A 208 -12.77 3.41 -8.17
CA THR A 208 -13.09 3.10 -6.78
C THR A 208 -14.06 1.94 -6.71
N PRO A 209 -14.13 1.26 -5.54
CA PRO A 209 -15.21 0.29 -5.36
C PRO A 209 -16.57 0.99 -5.39
N GLU A 210 -17.60 0.22 -5.70
CA GLU A 210 -18.99 0.64 -5.72
C GLU A 210 -19.53 1.26 -4.41
N SER A 211 -19.11 0.68 -3.28
CA SER A 211 -19.49 1.14 -1.98
C SER A 211 -18.29 0.96 -1.05
N ALA A 212 -18.35 1.50 0.17
CA ALA A 212 -17.22 1.48 1.09
C ALA A 212 -17.33 0.44 2.21
N GLY A 213 -18.49 -0.22 2.32
CA GLY A 213 -18.70 -1.32 3.28
C GLY A 213 -17.63 -2.41 3.28
N PRO A 214 -17.48 -3.12 2.15
CA PRO A 214 -16.40 -4.15 2.07
C PRO A 214 -15.00 -3.63 2.45
N LEU A 215 -14.62 -2.47 1.93
CA LEU A 215 -13.38 -1.83 2.30
C LEU A 215 -13.20 -1.62 3.82
N LEU A 216 -14.26 -1.30 4.55
CA LEU A 216 -14.12 -1.07 5.99
C LEU A 216 -13.97 -2.37 6.76
N ARG A 217 -14.74 -3.38 6.36
CA ARG A 217 -14.50 -4.79 6.70
C ARG A 217 -13.07 -5.30 6.49
N LEU A 218 -12.50 -5.04 5.31
CA LEU A 218 -11.07 -5.31 5.05
C LEU A 218 -10.18 -4.63 6.08
N VAL A 219 -10.44 -3.35 6.33
CA VAL A 219 -9.75 -2.62 7.36
C VAL A 219 -9.88 -3.24 8.77
N ALA A 220 -11.09 -3.66 9.17
CA ALA A 220 -11.29 -4.35 10.45
C ALA A 220 -10.52 -5.69 10.46
N GLU A 221 -10.57 -6.41 9.32
CA GLU A 221 -9.83 -7.63 9.15
C GLU A 221 -8.30 -7.44 9.39
N VAL A 222 -7.75 -6.39 8.80
CA VAL A 222 -6.35 -6.00 9.02
C VAL A 222 -6.09 -5.67 10.49
N GLU A 223 -7.01 -4.95 11.12
CA GLU A 223 -6.84 -4.47 12.48
C GLU A 223 -6.90 -5.62 13.47
N GLU A 224 -7.73 -6.62 13.16
CA GLU A 224 -7.88 -7.83 13.94
C GLU A 224 -6.77 -8.86 13.73
N SER A 225 -5.81 -8.60 12.83
CA SER A 225 -4.77 -9.58 12.56
C SER A 225 -3.67 -9.58 13.65
N PRO A 226 -3.43 -10.75 14.29
CA PRO A 226 -2.34 -10.91 15.28
C PRO A 226 -1.00 -10.64 14.66
N GLU A 227 -0.09 -10.02 15.42
CA GLU A 227 1.34 -10.00 15.03
C GLU A 227 1.89 -11.43 15.19
N THR A 228 2.63 -11.92 14.20
CA THR A 228 3.14 -13.30 14.24
C THR A 228 4.66 -13.44 13.99
N ALA A 229 5.36 -12.31 13.89
CA ALA A 229 6.80 -12.31 13.64
C ALA A 229 7.60 -12.13 14.94
N ALA A 230 8.91 -12.40 14.90
CA ALA A 230 9.79 -12.20 16.07
C ALA A 230 9.79 -10.74 16.50
N HIS A 231 9.67 -9.87 15.50
CA HIS A 231 9.69 -8.43 15.65
C HIS A 231 8.58 -7.83 14.76
N PRO A 232 7.88 -6.77 15.23
CA PRO A 232 6.85 -6.18 14.35
C PRO A 232 7.47 -5.73 13.02
N GLY A 233 6.82 -6.08 11.93
CA GLY A 233 7.29 -5.71 10.61
C GLY A 233 6.22 -4.91 9.87
N PRO A 234 6.58 -4.34 8.71
CA PRO A 234 5.63 -3.57 7.90
C PRO A 234 4.54 -4.48 7.36
N ILE A 235 3.34 -3.92 7.18
CA ILE A 235 2.28 -4.55 6.41
C ILE A 235 2.58 -4.29 4.93
N VAL A 236 2.63 -5.34 4.11
CA VAL A 236 2.84 -5.14 2.67
C VAL A 236 1.48 -4.87 2.02
N VAL A 237 1.39 -3.79 1.24
CA VAL A 237 0.13 -3.50 0.56
C VAL A 237 0.53 -3.39 -0.88
N HIS A 238 -0.19 -4.07 -1.76
CA HIS A 238 0.15 -3.93 -3.17
C HIS A 238 -1.08 -3.90 -4.07
N SER A 239 -0.87 -3.42 -5.29
CA SER A 239 -1.82 -3.42 -6.37
C SER A 239 -0.92 -3.28 -7.58
N SER A 240 -1.46 -3.44 -8.78
CA SER A 240 -0.58 -3.54 -9.95
C SER A 240 0.54 -2.49 -10.06
N ALA A 241 0.25 -1.21 -9.82
CA ALA A 241 1.32 -0.20 -9.88
C ALA A 241 1.81 0.12 -8.51
N GLY A 242 1.03 -0.25 -7.49
CA GLY A 242 1.40 0.05 -6.09
C GLY A 242 1.29 1.51 -5.64
N ILE A 243 0.42 2.30 -6.28
CA ILE A 243 0.26 3.72 -5.88
C ILE A 243 -1.20 4.19 -5.69
N GLY A 244 -2.09 3.82 -6.61
CA GLY A 244 -3.46 4.29 -6.57
C GLY A 244 -4.26 3.62 -5.48
N ARG A 245 -4.63 2.36 -5.71
CA ARG A 245 -5.39 1.56 -4.75
C ARG A 245 -4.62 1.29 -3.48
N THR A 246 -3.31 1.04 -3.61
CA THR A 246 -2.40 0.95 -2.48
C THR A 246 -2.45 2.21 -1.62
N GLY A 247 -2.40 3.36 -2.27
CA GLY A 247 -2.44 4.64 -1.56
C GLY A 247 -3.77 4.84 -0.87
N CYS A 248 -4.86 4.54 -1.57
CA CYS A 248 -6.19 4.63 -0.99
C CYS A 248 -6.39 3.76 0.22
N PHE A 249 -5.88 2.53 0.16
CA PHE A 249 -6.07 1.62 1.31
C PHE A 249 -5.35 2.14 2.54
N ILE A 250 -4.11 2.56 2.36
CA ILE A 250 -3.26 3.03 3.49
C ILE A 250 -3.82 4.33 4.10
N ALA A 251 -4.24 5.26 3.25
CA ALA A 251 -4.89 6.52 3.67
C ALA A 251 -6.17 6.22 4.46
N THR A 252 -6.97 5.25 3.97
CA THR A 252 -8.14 4.81 4.71
C THR A 252 -7.79 4.35 6.12
N ARG A 253 -6.81 3.45 6.21
CA ARG A 253 -6.38 2.89 7.50
C ARG A 253 -5.90 3.99 8.48
N ILE A 254 -5.00 4.85 8.03
CA ILE A 254 -4.53 5.97 8.84
C ILE A 254 -5.69 6.92 9.23
N GLY A 255 -6.52 7.28 8.26
CA GLY A 255 -7.70 8.12 8.51
C GLY A 255 -8.62 7.53 9.55
N CYS A 256 -8.89 6.23 9.51
CA CYS A 256 -9.69 5.59 10.55
C CYS A 256 -8.99 5.69 11.94
N GLN A 257 -7.67 5.50 11.94
CA GLN A 257 -6.93 5.59 13.18
C GLN A 257 -7.03 7.00 13.74
N GLN A 258 -6.99 8.03 12.89
CA GLN A 258 -7.09 9.42 13.39
C GLN A 258 -8.49 9.66 13.98
N LEU A 259 -9.51 9.18 13.27
CA LEU A 259 -10.89 9.35 13.73
C LEU A 259 -11.14 8.66 15.06
N LYS A 260 -10.70 7.40 15.18
CA LYS A 260 -10.91 6.68 16.43
C LYS A 260 -10.16 7.33 17.63
N ALA A 261 -8.87 7.65 17.46
CA ALA A 261 -8.03 8.21 18.55
C ALA A 261 -8.37 9.68 18.88
N ARG A 262 -8.72 10.48 17.86
CA ARG A 262 -8.82 11.95 17.98
C ARG A 262 -10.18 12.61 17.59
N GLY A 263 -11.12 11.85 17.02
CA GLY A 263 -12.35 12.44 16.57
C GLY A 263 -12.15 13.53 15.52
N GLU A 264 -11.05 13.48 14.78
CA GLU A 264 -10.84 14.40 13.64
C GLU A 264 -9.93 13.71 12.68
N VAL A 265 -9.85 14.25 11.49
CA VAL A 265 -8.93 13.66 10.54
C VAL A 265 -8.37 14.71 9.60
N ASP A 266 -7.10 14.57 9.21
CA ASP A 266 -6.51 15.46 8.21
C ASP A 266 -6.13 14.66 6.98
N ILE A 267 -7.09 14.54 6.08
CA ILE A 267 -6.94 13.68 4.91
C ILE A 267 -5.88 14.21 3.95
N LEU A 268 -5.87 15.52 3.74
CA LEU A 268 -4.87 16.15 2.92
C LEU A 268 -3.45 15.84 3.47
N GLY A 269 -3.26 16.00 4.77
CA GLY A 269 -1.97 15.74 5.36
C GLY A 269 -1.57 14.26 5.26
N ILE A 270 -2.53 13.35 5.37
CA ILE A 270 -2.26 11.91 5.18
C ILE A 270 -1.72 11.65 3.75
N VAL A 271 -2.41 12.17 2.73
CA VAL A 271 -2.02 11.96 1.33
C VAL A 271 -0.67 12.61 1.05
N CYS A 272 -0.42 13.79 1.64
CA CYS A 272 0.89 14.45 1.53
C CYS A 272 1.97 13.59 2.12
N GLN A 273 1.77 13.06 3.33
CA GLN A 273 2.79 12.22 3.96
C GLN A 273 3.05 10.94 3.10
N LEU A 274 2.00 10.31 2.57
CA LEU A 274 2.14 9.16 1.66
C LEU A 274 3.00 9.47 0.40
N ARG A 275 2.78 10.64 -0.19
CA ARG A 275 3.56 11.07 -1.37
C ARG A 275 5.05 11.33 -1.13
N LEU A 276 5.39 11.74 0.08
CA LEU A 276 6.80 11.90 0.45
C LEU A 276 7.47 10.51 0.49
N ASP A 277 6.69 9.47 0.82
CA ASP A 277 7.23 8.13 1.02
C ASP A 277 7.28 7.36 -0.32
N ARG A 278 6.28 7.61 -1.18
CA ARG A 278 6.21 7.03 -2.52
C ARG A 278 5.40 7.93 -3.47
N GLY A 279 5.99 8.29 -4.62
CA GLY A 279 5.36 9.22 -5.55
C GLY A 279 4.05 8.68 -6.08
N GLY A 280 3.06 9.56 -6.23
CA GLY A 280 1.81 9.20 -6.91
C GLY A 280 0.72 8.56 -6.08
N MET A 281 0.94 8.38 -4.78
CA MET A 281 -0.03 7.68 -3.95
C MET A 281 -1.37 8.39 -3.98
N ILE A 282 -2.43 7.62 -4.20
CA ILE A 282 -3.79 8.06 -4.58
C ILE A 282 -3.77 8.77 -5.91
N GLN A 283 -4.27 8.14 -6.94
CA GLN A 283 -3.99 8.70 -8.22
C GLN A 283 -5.05 9.58 -8.82
N THR A 284 -6.24 9.54 -8.28
CA THR A 284 -7.37 10.19 -8.91
C THR A 284 -8.17 11.07 -7.93
N ALA A 285 -8.75 12.18 -8.39
CA ALA A 285 -9.66 13.00 -7.57
C ALA A 285 -10.92 12.22 -7.11
N GLU A 286 -11.46 11.36 -7.99
CA GLU A 286 -12.52 10.40 -7.59
C GLU A 286 -12.11 9.51 -6.40
N GLN A 287 -10.88 9.01 -6.42
CA GLN A 287 -10.34 8.22 -5.32
C GLN A 287 -10.19 9.05 -4.05
N TYR A 288 -9.78 10.32 -4.20
CA TYR A 288 -9.71 11.28 -3.08
C TYR A 288 -11.10 11.52 -2.47
N GLN A 289 -12.09 11.79 -3.31
CA GLN A 289 -13.47 11.94 -2.88
C GLN A 289 -14.01 10.67 -2.19
N PHE A 290 -13.71 9.50 -2.73
CA PHE A 290 -14.18 8.26 -2.11
C PHE A 290 -13.54 8.01 -0.73
N LEU A 291 -12.34 8.57 -0.57
CA LEU A 291 -11.63 8.44 0.69
C LEU A 291 -12.42 9.20 1.77
N HIS A 292 -12.90 10.38 1.40
CA HIS A 292 -13.74 11.16 2.30
C HIS A 292 -15.03 10.42 2.67
N HIS A 293 -15.67 9.82 1.66
CA HIS A 293 -16.86 9.05 1.83
C HIS A 293 -16.69 7.85 2.77
N THR A 294 -15.60 7.12 2.59
CA THR A 294 -15.27 5.92 3.37
C THR A 294 -15.00 6.25 4.83
N LEU A 295 -14.33 7.37 5.05
CA LEU A 295 -14.02 7.85 6.40
C LEU A 295 -15.27 8.36 7.12
N ALA A 296 -16.18 8.98 6.35
CA ALA A 296 -17.46 9.44 6.93
C ALA A 296 -18.26 8.22 7.34
N LEU A 297 -18.15 7.18 6.52
CA LEU A 297 -18.81 5.92 6.84
C LEU A 297 -18.20 5.32 8.12
N TYR A 298 -16.86 5.30 8.18
CA TYR A 298 -16.19 4.78 9.36
C TYR A 298 -16.61 5.58 10.60
N ALA A 299 -16.65 6.91 10.48
CA ALA A 299 -17.08 7.75 11.60
C ALA A 299 -18.48 7.36 12.13
N GLY A 300 -19.43 7.12 11.22
CA GLY A 300 -20.78 6.74 11.60
C GLY A 300 -20.86 5.34 12.21
N GLN A 301 -19.88 4.49 11.93
CA GLN A 301 -19.83 3.13 12.50
C GLN A 301 -19.16 3.09 13.87
N LEU A 302 -18.52 4.17 14.30
CA LEU A 302 -17.83 4.16 15.58
C LEU A 302 -18.78 3.93 16.74
N PRO A 303 -18.33 3.15 17.75
CA PRO A 303 -19.17 2.81 18.93
C PRO A 303 -19.61 4.06 19.70
N GLU A 304 -20.90 4.11 20.07
CA GLU A 304 -21.46 5.05 21.08
C GLU A 304 -22.82 5.62 20.68
N THR B 2 5.73 -0.14 -18.52
CA THR B 2 4.85 0.35 -19.63
C THR B 2 4.11 1.66 -19.18
N GLU B 3 2.88 1.88 -19.66
CA GLU B 3 2.14 3.10 -19.28
C GLU B 3 0.97 2.77 -18.30
N PTR B 4 1.02 3.36 -17.09
CA PTR B 4 -0.09 3.36 -16.09
C PTR B 4 -0.64 4.81 -16.07
O PTR B 4 -1.83 5.02 -15.73
CB PTR B 4 0.45 2.87 -14.73
CG PTR B 4 -0.58 2.53 -13.63
CD1 PTR B 4 -0.78 3.40 -12.54
CD2 PTR B 4 -1.29 1.31 -13.64
CE1 PTR B 4 -1.69 3.10 -11.53
CE2 PTR B 4 -2.19 1.01 -12.63
CZ PTR B 4 -2.39 1.89 -11.56
OH PTR B 4 -3.22 1.62 -10.63
P PTR B 4 -2.89 1.16 -9.12
O1P PTR B 4 -1.83 1.99 -8.58
O2P PTR B 4 -2.43 -0.26 -9.04
O3P PTR B 4 -4.18 1.25 -8.27
N VAL B 5 0.24 5.79 -16.41
CA VAL B 5 -0.13 7.07 -17.09
C VAL B 5 0.95 7.50 -18.14
O1 TAR C . -23.44 0.03 4.71
O11 TAR C . -21.72 -0.65 3.53
C1 TAR C . -22.55 0.22 3.84
C2 TAR C . -22.58 1.48 3.09
O2 TAR C . -23.11 2.62 3.70
C3 TAR C . -22.62 1.66 1.65
O3 TAR C . -23.29 0.59 0.98
C4 TAR C . -21.85 2.73 0.94
O4 TAR C . -22.52 3.49 0.20
O41 TAR C . -20.62 2.90 1.11
C1 GOL D . -5.70 -5.43 -12.60
O1 GOL D . -5.96 -4.96 -11.28
C2 GOL D . -5.23 -6.88 -12.44
O2 GOL D . -3.93 -6.89 -11.95
C3 GOL D . -5.10 -7.69 -13.72
O3 GOL D . -4.93 -9.03 -13.22
#